data_6QQT
#
_entry.id   6QQT
#
_cell.length_a   74.591
_cell.length_b   77.862
_cell.length_c   86.636
_cell.angle_alpha   90.000
_cell.angle_beta   90.000
_cell.angle_gamma   90.000
#
_symmetry.space_group_name_H-M   'P 21 21 21'
#
loop_
_entity.id
_entity.type
_entity.pdbx_description
1 polymer 'tRNA (guanine-N(1)-)-methyltransferase'
2 non-polymer 3-[1-[(4-methoxyphenyl)methyl]indol-6-yl]-1~{H}-pyrazol-5-amine
3 non-polymer 'SULFATE ION'
4 water water
#
_entity_poly.entity_id   1
_entity_poly.type   'polypeptide(L)'
_entity_poly.pdbx_seq_one_letter_code
;GSMKIDVVTIFPEYLQPVRQSLPGKAIDAGLVDVAVHDLRRWTHDVHKSVDDSPYGGGPGMVMKPTVWGDALDEICTSET
LLVVPTPAGYPFTQETAWQWSTEDHLVIACGRYEGIDQRVADDAATRMRVREVSIGDYVLNGGEAAALVIIEAVLRLVPG
VLGNALSAQEDSHSEGMASLLEGPSYTRPPSWRGMDVPPVLLSGDHAKIAAWRAEQSRQRTIERRPDLLGFDSPTGEHGG
DGLS
;
_entity_poly.pdbx_strand_id   A,B
#
loop_
_chem_comp.id
_chem_comp.type
_chem_comp.name
_chem_comp.formula
JCH non-polymer 3-[1-[(4-methoxyphenyl)methyl]indol-6-yl]-1~{H}-pyrazol-5-amine 'C19 H18 N4 O'
SO4 non-polymer 'SULFATE ION' 'O4 S -2'
#
# COMPACT_ATOMS: atom_id res chain seq x y z
N SER A 2 -5.72 0.33 -23.26
CA SER A 2 -5.67 1.79 -23.24
C SER A 2 -6.32 2.34 -21.98
N MET A 3 -5.50 2.75 -21.02
CA MET A 3 -6.03 3.27 -19.77
C MET A 3 -5.48 4.65 -19.44
N LYS A 4 -6.38 5.55 -19.02
CA LYS A 4 -5.98 6.84 -18.49
C LYS A 4 -6.17 6.84 -16.98
N ILE A 5 -5.13 7.24 -16.24
CA ILE A 5 -5.28 7.42 -14.80
C ILE A 5 -4.98 8.87 -14.45
N ASP A 6 -5.96 9.53 -13.83
CA ASP A 6 -5.76 10.87 -13.28
C ASP A 6 -5.70 10.76 -11.76
N VAL A 7 -4.68 11.36 -11.15
CA VAL A 7 -4.60 11.38 -9.68
C VAL A 7 -4.71 12.83 -9.22
N VAL A 8 -5.55 13.09 -8.22
CA VAL A 8 -5.69 14.43 -7.69
C VAL A 8 -5.21 14.46 -6.25
N THR A 9 -4.32 15.39 -5.94
CA THR A 9 -3.61 15.34 -4.66
C THR A 9 -3.07 16.72 -4.29
N ILE A 10 -2.91 17.00 -3.01
CA ILE A 10 -2.19 18.24 -2.65
C ILE A 10 -0.69 18.00 -2.58
N PHE A 11 -0.27 16.76 -2.84
CA PHE A 11 1.16 16.44 -2.91
C PHE A 11 1.51 15.73 -4.22
N PRO A 12 1.45 16.46 -5.34
CA PRO A 12 1.70 15.82 -6.64
C PRO A 12 3.07 15.15 -6.75
N GLU A 13 4.08 15.64 -6.05
CA GLU A 13 5.42 15.05 -6.13
C GLU A 13 5.44 13.61 -5.64
N TYR A 14 4.50 13.25 -4.77
CA TYR A 14 4.44 11.91 -4.19
C TYR A 14 4.24 10.87 -5.29
N LEU A 15 3.58 11.25 -6.37
CA LEU A 15 3.24 10.31 -7.42
C LEU A 15 4.29 10.24 -8.54
N GLN A 16 5.31 11.08 -8.44
CA GLN A 16 6.32 11.19 -9.50
C GLN A 16 7.03 9.87 -9.85
N PRO A 17 7.37 9.04 -8.86
CA PRO A 17 8.02 7.77 -9.23
C PRO A 17 7.12 6.82 -10.02
N VAL A 18 5.81 6.88 -9.81
CA VAL A 18 4.90 6.08 -10.62
C VAL A 18 5.05 6.47 -12.09
N ARG A 19 5.10 7.78 -12.36
CA ARG A 19 5.18 8.27 -13.72
C ARG A 19 6.50 7.84 -14.38
N GLN A 20 7.56 7.74 -13.58
CA GLN A 20 8.86 7.31 -14.07
C GLN A 20 8.96 5.77 -14.13
N SER A 21 8.03 5.10 -13.47
CA SER A 21 7.99 3.64 -13.46
C SER A 21 7.44 3.07 -14.76
N LEU A 22 6.80 3.92 -15.56
CA LEU A 22 6.15 3.50 -16.80
C LEU A 22 7.13 3.42 -17.97
N PRO A 23 7.24 2.24 -18.57
CA PRO A 23 8.03 2.04 -19.80
C PRO A 23 7.56 2.91 -20.95
N GLY A 24 8.50 3.51 -21.67
CA GLY A 24 8.18 4.41 -22.76
C GLY A 24 7.37 3.75 -23.87
N LYS A 25 7.65 2.47 -24.10
CA LYS A 25 7.00 1.71 -25.16
C LYS A 25 5.47 1.62 -24.95
N ALA A 26 5.05 1.50 -23.69
CA ALA A 26 3.63 1.41 -23.39
C ALA A 26 2.94 2.75 -23.57
N ILE A 27 3.63 3.82 -23.20
CA ILE A 27 3.11 5.17 -23.38
C ILE A 27 3.06 5.51 -24.88
N ASP A 28 4.13 5.19 -25.59
CA ASP A 28 4.21 5.44 -27.02
C ASP A 28 3.21 4.60 -27.82
N ALA A 29 2.86 3.43 -27.28
CA ALA A 29 1.84 2.59 -27.91
C ALA A 29 0.44 3.03 -27.48
N GLY A 30 0.38 4.05 -26.64
CA GLY A 30 -0.89 4.58 -26.17
C GLY A 30 -1.67 3.60 -25.31
N LEU A 31 -0.96 2.78 -24.57
CA LEU A 31 -1.59 1.78 -23.71
C LEU A 31 -1.95 2.37 -22.34
N VAL A 32 -1.24 3.41 -21.95
CA VAL A 32 -1.39 3.97 -20.62
C VAL A 32 -0.92 5.42 -20.56
N ASP A 33 -1.60 6.20 -19.73
CA ASP A 33 -1.23 7.58 -19.44
C ASP A 33 -1.62 7.88 -17.99
N VAL A 34 -0.65 8.29 -17.18
CA VAL A 34 -0.90 8.65 -15.79
C VAL A 34 -0.62 10.13 -15.64
N ALA A 35 -1.64 10.88 -15.22
CA ALA A 35 -1.50 12.31 -15.05
C ALA A 35 -1.75 12.68 -13.60
N VAL A 36 -0.95 13.59 -13.05
CA VAL A 36 -1.12 13.98 -11.65
C VAL A 36 -1.49 15.46 -11.58
N HIS A 37 -2.50 15.77 -10.77
CA HIS A 37 -3.01 17.12 -10.68
C HIS A 37 -2.96 17.64 -9.26
N ASP A 38 -2.44 18.85 -9.09
CA ASP A 38 -2.44 19.53 -7.81
C ASP A 38 -3.85 20.01 -7.49
N LEU A 39 -4.43 19.54 -6.40
CA LEU A 39 -5.78 19.95 -5.99
C LEU A 39 -5.90 21.48 -5.84
N ARG A 40 -4.80 22.15 -5.50
CA ARG A 40 -4.90 23.59 -5.25
C ARG A 40 -5.18 24.41 -6.51
N ARG A 41 -5.07 23.77 -7.68
CA ARG A 41 -5.49 24.42 -8.92
C ARG A 41 -6.98 24.80 -8.89
N TRP A 42 -7.75 24.10 -8.07
CA TRP A 42 -9.19 24.35 -8.00
C TRP A 42 -9.62 25.07 -6.72
N THR A 43 -8.69 25.68 -6.01
CA THR A 43 -9.08 26.46 -4.82
C THR A 43 -9.69 27.82 -5.21
N HIS A 44 -10.45 28.41 -4.29
CA HIS A 44 -11.21 29.64 -4.58
C HIS A 44 -10.56 30.91 -4.09
N ASP A 45 -9.64 30.77 -3.15
CA ASP A 45 -9.16 31.93 -2.39
C ASP A 45 -7.67 32.15 -2.52
N VAL A 46 -7.23 33.33 -2.11
CA VAL A 46 -5.83 33.66 -2.23
C VAL A 46 -4.99 32.79 -1.29
N HIS A 47 -5.60 32.22 -0.26
CA HIS A 47 -4.86 31.35 0.66
C HIS A 47 -4.83 29.89 0.20
N LYS A 48 -5.43 29.63 -0.97
CA LYS A 48 -5.49 28.28 -1.56
C LYS A 48 -5.93 27.22 -0.54
N SER A 49 -7.06 27.49 0.12
CA SER A 49 -7.55 26.64 1.19
C SER A 49 -8.15 25.34 0.67
N VAL A 50 -7.74 24.22 1.26
CA VAL A 50 -8.31 22.94 0.86
C VAL A 50 -9.03 22.23 1.99
N ASP A 51 -8.97 22.78 3.20
CA ASP A 51 -9.59 22.12 4.36
C ASP A 51 -10.26 23.13 5.29
N ASP A 52 -11.06 22.62 6.21
CA ASP A 52 -11.88 23.47 7.08
C ASP A 52 -12.32 22.62 8.27
N SER A 53 -12.87 23.23 9.30
CA SER A 53 -13.19 22.49 10.53
C SER A 53 -14.39 21.56 10.36
N PRO A 54 -14.38 20.43 11.09
CA PRO A 54 -15.47 19.44 10.92
C PRO A 54 -16.76 19.85 11.63
N TYR A 55 -17.89 19.75 10.93
CA TYR A 55 -19.18 19.93 11.58
C TYR A 55 -19.36 18.90 12.67
N GLY A 56 -19.89 19.34 13.81
CA GLY A 56 -20.12 18.43 14.92
C GLY A 56 -18.90 18.34 15.82
N GLY A 57 -17.84 19.01 15.41
CA GLY A 57 -16.63 19.11 16.22
C GLY A 57 -15.73 17.91 16.08
N GLY A 58 -14.66 17.91 16.88
CA GLY A 58 -13.70 16.83 16.85
C GLY A 58 -12.36 17.30 16.33
N PRO A 59 -11.38 16.40 16.35
CA PRO A 59 -10.00 16.74 15.98
C PRO A 59 -9.81 16.80 14.47
N GLY A 60 -8.75 17.48 14.05
CA GLY A 60 -8.38 17.49 12.66
C GLY A 60 -9.26 18.35 11.80
N MET A 61 -9.11 18.19 10.50
CA MET A 61 -9.78 19.03 9.51
C MET A 61 -10.39 18.15 8.42
N VAL A 62 -11.33 18.70 7.67
CA VAL A 62 -12.01 17.97 6.60
C VAL A 62 -11.78 18.69 5.29
N MET A 63 -11.52 17.97 4.20
CA MET A 63 -11.28 18.68 2.95
C MET A 63 -12.57 19.23 2.37
N LYS A 64 -12.46 20.41 1.78
CA LYS A 64 -13.61 21.21 1.34
C LYS A 64 -14.34 20.59 0.15
N PRO A 65 -15.68 20.48 0.24
CA PRO A 65 -16.42 19.92 -0.89
C PRO A 65 -16.40 20.82 -2.13
N THR A 66 -16.39 22.14 -1.97
CA THR A 66 -16.44 23.04 -3.12
C THR A 66 -15.18 22.89 -3.99
N VAL A 67 -14.03 22.73 -3.36
CA VAL A 67 -12.78 22.56 -4.11
C VAL A 67 -12.75 21.23 -4.84
N TRP A 68 -13.04 20.15 -4.13
CA TRP A 68 -13.08 18.82 -4.71
C TRP A 68 -14.13 18.69 -5.81
N GLY A 69 -15.29 19.30 -5.57
CA GLY A 69 -16.37 19.28 -6.54
C GLY A 69 -15.94 19.87 -7.88
N ASP A 70 -15.26 21.01 -7.82
CA ASP A 70 -14.76 21.64 -9.04
C ASP A 70 -13.70 20.78 -9.75
N ALA A 71 -12.79 20.19 -8.98
CA ALA A 71 -11.74 19.35 -9.55
C ALA A 71 -12.33 18.14 -10.28
N LEU A 72 -13.23 17.43 -9.62
CA LEU A 72 -13.80 16.23 -10.20
C LEU A 72 -14.73 16.57 -11.37
N ASP A 73 -15.41 17.71 -11.31
CA ASP A 73 -16.24 18.18 -12.42
C ASP A 73 -15.40 18.31 -13.69
N GLU A 74 -14.18 18.80 -13.54
CA GLU A 74 -13.33 19.04 -14.69
C GLU A 74 -12.74 17.74 -15.21
N ILE A 75 -12.33 16.86 -14.30
CA ILE A 75 -11.54 15.70 -14.64
C ILE A 75 -12.38 14.48 -14.99
N CYS A 76 -13.50 14.31 -14.30
CA CYS A 76 -14.32 13.12 -14.49
C CYS A 76 -15.33 13.24 -15.63
N THR A 77 -15.68 12.10 -16.20
CA THR A 77 -16.84 12.02 -17.09
C THR A 77 -17.77 10.94 -16.58
N SER A 78 -18.89 10.73 -17.27
CA SER A 78 -19.81 9.65 -16.89
C SER A 78 -19.14 8.27 -16.95
N GLU A 79 -18.05 8.13 -17.70
CA GLU A 79 -17.42 6.83 -17.87
C GLU A 79 -16.31 6.57 -16.84
N THR A 80 -16.01 7.59 -16.05
CA THR A 80 -14.95 7.50 -15.04
C THR A 80 -15.27 6.50 -13.94
N LEU A 81 -14.27 5.71 -13.54
CA LEU A 81 -14.33 5.01 -12.27
C LEU A 81 -13.57 5.84 -11.25
N LEU A 82 -14.30 6.45 -10.31
CA LEU A 82 -13.70 7.31 -9.29
C LEU A 82 -13.31 6.48 -8.09
N VAL A 83 -12.00 6.47 -7.79
CA VAL A 83 -11.44 5.69 -6.70
C VAL A 83 -11.05 6.62 -5.58
N VAL A 84 -11.58 6.37 -4.38
CA VAL A 84 -11.32 7.24 -3.24
C VAL A 84 -10.71 6.41 -2.11
N PRO A 85 -9.39 6.48 -1.96
CA PRO A 85 -8.79 5.77 -0.82
C PRO A 85 -9.31 6.31 0.51
N THR A 86 -9.56 5.41 1.45
CA THR A 86 -10.01 5.80 2.79
C THR A 86 -9.87 4.61 3.71
N PRO A 87 -9.49 4.87 4.97
CA PRO A 87 -9.38 3.78 5.96
C PRO A 87 -10.73 3.10 6.18
N ALA A 88 -11.82 3.78 5.83
CA ALA A 88 -13.17 3.23 6.00
C ALA A 88 -13.71 2.61 4.72
N GLY A 89 -12.84 2.36 3.75
CA GLY A 89 -13.28 1.83 2.47
C GLY A 89 -13.54 0.33 2.46
N TYR A 90 -14.18 -0.12 1.39
CA TYR A 90 -14.22 -1.55 1.07
C TYR A 90 -12.79 -2.02 0.80
N PRO A 91 -12.49 -3.28 1.11
CA PRO A 91 -11.13 -3.78 0.85
C PRO A 91 -10.75 -3.85 -0.61
N PHE A 92 -9.63 -3.22 -0.95
CA PHE A 92 -8.99 -3.38 -2.24
C PHE A 92 -8.22 -4.70 -2.26
N THR A 93 -8.56 -5.57 -3.19
CA THR A 93 -7.90 -6.87 -3.31
C THR A 93 -7.45 -7.13 -4.73
N GLN A 94 -6.78 -8.27 -4.93
CA GLN A 94 -6.33 -8.62 -6.26
C GLN A 94 -7.51 -8.72 -7.22
N GLU A 95 -8.66 -9.16 -6.70
CA GLU A 95 -9.87 -9.24 -7.51
C GLU A 95 -10.28 -7.87 -8.00
N THR A 96 -10.18 -6.88 -7.12
CA THR A 96 -10.47 -5.49 -7.46
C THR A 96 -9.51 -5.01 -8.56
N ALA A 97 -8.23 -5.29 -8.36
CA ALA A 97 -7.20 -4.88 -9.32
C ALA A 97 -7.50 -5.44 -10.71
N TRP A 98 -7.88 -6.72 -10.77
CA TRP A 98 -8.25 -7.34 -12.04
C TRP A 98 -9.43 -6.64 -12.68
N GLN A 99 -10.46 -6.37 -11.88
CA GLN A 99 -11.64 -5.68 -12.38
C GLN A 99 -11.31 -4.30 -12.94
N TRP A 100 -10.48 -3.55 -12.22
CA TRP A 100 -10.17 -2.19 -12.63
C TRP A 100 -9.17 -2.13 -13.79
N SER A 101 -8.50 -3.24 -14.06
CA SER A 101 -7.45 -3.25 -15.09
C SER A 101 -8.01 -3.09 -16.49
N THR A 102 -9.32 -3.25 -16.66
CA THR A 102 -9.90 -3.11 -17.99
C THR A 102 -10.63 -1.78 -18.14
N GLU A 103 -10.54 -0.92 -17.13
CA GLU A 103 -11.20 0.40 -17.20
C GLU A 103 -10.50 1.37 -18.16
N ASP A 104 -11.29 2.19 -18.84
CA ASP A 104 -10.73 3.22 -19.72
C ASP A 104 -10.18 4.41 -18.94
N HIS A 105 -10.81 4.73 -17.81
CA HIS A 105 -10.47 5.94 -17.08
C HIS A 105 -10.64 5.77 -15.59
N LEU A 106 -9.54 5.77 -14.85
CA LEU A 106 -9.58 5.80 -13.41
C LEU A 106 -9.21 7.20 -12.93
N VAL A 107 -9.94 7.70 -11.95
CA VAL A 107 -9.55 8.93 -11.30
C VAL A 107 -9.39 8.61 -9.82
N ILE A 108 -8.21 8.91 -9.28
CA ILE A 108 -7.96 8.60 -7.87
C ILE A 108 -7.90 9.89 -7.09
N ALA A 109 -8.83 10.05 -6.15
CA ALA A 109 -8.94 11.25 -5.35
C ALA A 109 -8.28 11.05 -4.00
N CYS A 110 -7.12 11.67 -3.81
CA CYS A 110 -6.32 11.48 -2.62
C CYS A 110 -6.63 12.49 -1.55
N GLY A 111 -7.20 12.02 -0.44
CA GLY A 111 -7.44 12.89 0.69
C GLY A 111 -6.23 13.08 1.60
N ARG A 112 -6.34 14.08 2.46
CA ARG A 112 -5.42 14.30 3.58
C ARG A 112 -6.26 14.73 4.79
N TYR A 113 -5.60 15.12 5.88
CA TYR A 113 -6.31 15.49 7.12
C TYR A 113 -7.21 14.36 7.57
N GLU A 114 -8.48 14.65 7.86
CA GLU A 114 -9.40 13.62 8.32
C GLU A 114 -10.21 13.02 7.17
N GLY A 115 -9.95 13.47 5.95
CA GLY A 115 -10.64 12.93 4.78
C GLY A 115 -11.42 13.99 4.04
N ILE A 116 -12.22 13.57 3.07
CA ILE A 116 -12.97 14.48 2.21
C ILE A 116 -14.43 14.54 2.65
N ASP A 117 -15.01 15.75 2.68
CA ASP A 117 -16.45 15.91 2.93
C ASP A 117 -17.21 14.83 2.16
N GLN A 118 -18.07 14.08 2.85
CA GLN A 118 -18.73 12.91 2.26
C GLN A 118 -19.61 13.26 1.06
N ARG A 119 -20.06 14.52 0.98
CA ARG A 119 -20.94 14.90 -0.13
C ARG A 119 -20.22 14.84 -1.47
N VAL A 120 -18.89 14.92 -1.46
CA VAL A 120 -18.15 14.85 -2.72
C VAL A 120 -18.35 13.49 -3.39
N ALA A 121 -18.07 12.42 -2.67
CA ALA A 121 -18.27 11.07 -3.20
C ALA A 121 -19.74 10.80 -3.48
N ASP A 122 -20.61 11.25 -2.57
CA ASP A 122 -22.04 10.98 -2.73
C ASP A 122 -22.61 11.69 -3.96
N ASP A 123 -22.20 12.94 -4.19
CA ASP A 123 -22.61 13.66 -5.39
C ASP A 123 -22.04 12.98 -6.63
N ALA A 124 -20.76 12.62 -6.59
CA ALA A 124 -20.17 11.99 -7.76
C ALA A 124 -20.90 10.68 -8.12
N ALA A 125 -21.32 9.94 -7.09
CA ALA A 125 -21.99 8.65 -7.29
C ALA A 125 -23.33 8.76 -7.98
N THR A 126 -23.88 9.98 -8.10
CA THR A 126 -25.14 10.16 -8.82
C THR A 126 -24.92 10.23 -10.33
N ARG A 127 -23.66 10.30 -10.77
CA ARG A 127 -23.46 10.36 -12.22
C ARG A 127 -22.26 9.56 -12.73
N MET A 128 -21.54 8.92 -11.82
CA MET A 128 -20.48 7.99 -12.21
C MET A 128 -20.32 6.89 -11.18
N ARG A 129 -19.51 5.88 -11.52
CA ARG A 129 -19.22 4.80 -10.59
C ARG A 129 -18.16 5.26 -9.58
N VAL A 130 -18.45 5.12 -8.29
CA VAL A 130 -17.51 5.56 -7.25
C VAL A 130 -17.15 4.37 -6.37
N ARG A 131 -15.87 4.26 -6.03
CA ARG A 131 -15.39 3.18 -5.18
C ARG A 131 -14.53 3.70 -4.04
N GLU A 132 -15.06 3.66 -2.82
CA GLU A 132 -14.24 3.99 -1.66
C GLU A 132 -13.51 2.73 -1.19
N VAL A 133 -12.19 2.78 -1.11
CA VAL A 133 -11.45 1.55 -0.81
C VAL A 133 -10.31 1.75 0.18
N SER A 134 -10.08 0.70 0.97
CA SER A 134 -8.95 0.63 1.90
CA SER A 134 -8.93 0.66 1.87
C SER A 134 -7.93 -0.37 1.34
N ILE A 135 -6.64 -0.10 1.52
CA ILE A 135 -5.64 -1.05 1.03
C ILE A 135 -5.10 -1.98 2.14
N GLY A 136 -5.59 -1.80 3.36
CA GLY A 136 -5.20 -2.68 4.44
C GLY A 136 -5.60 -2.12 5.79
N ASP A 137 -5.42 -2.92 6.82
CA ASP A 137 -5.91 -2.54 8.15
C ASP A 137 -4.85 -1.79 8.95
N TYR A 138 -4.44 -0.65 8.40
CA TYR A 138 -3.54 0.27 9.06
C TYR A 138 -3.95 1.65 8.57
N VAL A 139 -3.47 2.67 9.27
CA VAL A 139 -3.86 4.05 8.99
C VAL A 139 -2.68 4.81 8.39
N LEU A 140 -2.91 5.44 7.25
CA LEU A 140 -1.91 6.28 6.60
C LEU A 140 -2.19 7.75 6.91
N ASN A 141 -1.34 8.66 6.43
CA ASN A 141 -1.57 10.10 6.63
C ASN A 141 -2.50 10.67 5.56
N GLY A 142 -2.65 9.93 4.46
CA GLY A 142 -3.45 10.41 3.35
C GLY A 142 -3.50 9.38 2.26
N GLY A 143 -4.15 9.73 1.15
CA GLY A 143 -4.42 8.74 0.12
C GLY A 143 -3.30 8.43 -0.85
N GLU A 144 -2.23 9.21 -0.83
CA GLU A 144 -1.20 9.09 -1.87
C GLU A 144 -0.50 7.73 -1.89
N ALA A 145 -0.11 7.22 -0.73
CA ALA A 145 0.57 5.92 -0.70
C ALA A 145 -0.38 4.83 -1.18
N ALA A 146 -1.65 4.97 -0.82
CA ALA A 146 -2.67 4.04 -1.31
C ALA A 146 -2.81 4.12 -2.83
N ALA A 147 -2.78 5.32 -3.38
CA ALA A 147 -2.84 5.49 -4.83
C ALA A 147 -1.66 4.80 -5.52
N LEU A 148 -0.47 4.92 -4.95
CA LEU A 148 0.70 4.23 -5.48
CA LEU A 148 0.70 4.24 -5.49
C LEU A 148 0.50 2.74 -5.53
N VAL A 149 -0.02 2.19 -4.45
CA VAL A 149 -0.27 0.76 -4.36
C VAL A 149 -1.32 0.32 -5.39
N ILE A 150 -2.41 1.07 -5.47
CA ILE A 150 -3.48 0.75 -6.42
C ILE A 150 -2.99 0.83 -7.86
N ILE A 151 -2.25 1.89 -8.18
CA ILE A 151 -1.76 2.04 -9.55
C ILE A 151 -0.84 0.87 -9.91
N GLU A 152 0.07 0.52 -9.01
CA GLU A 152 0.99 -0.57 -9.30
C GLU A 152 0.26 -1.91 -9.47
N ALA A 153 -0.69 -2.20 -8.58
CA ALA A 153 -1.38 -3.48 -8.61
C ALA A 153 -2.24 -3.60 -9.86
N VAL A 154 -2.87 -2.50 -10.25
CA VAL A 154 -3.72 -2.50 -11.45
C VAL A 154 -2.88 -2.57 -12.72
N LEU A 155 -1.88 -1.71 -12.85
CA LEU A 155 -1.16 -1.61 -14.12
C LEU A 155 -0.30 -2.84 -14.43
N ARG A 156 0.10 -3.59 -13.40
CA ARG A 156 0.86 -4.79 -13.68
C ARG A 156 -0.02 -5.90 -14.25
N LEU A 157 -1.34 -5.70 -14.22
CA LEU A 157 -2.30 -6.59 -14.89
C LEU A 157 -2.69 -6.13 -16.29
N VAL A 158 -2.35 -4.90 -16.66
CA VAL A 158 -2.59 -4.42 -18.02
C VAL A 158 -1.48 -4.92 -18.94
N PRO A 159 -1.84 -5.77 -19.92
CA PRO A 159 -0.87 -6.42 -20.79
C PRO A 159 0.18 -5.44 -21.35
N GLY A 160 1.43 -5.65 -20.94
CA GLY A 160 2.55 -4.90 -21.50
C GLY A 160 2.76 -3.48 -21.00
N VAL A 161 2.28 -3.18 -19.79
CA VAL A 161 2.49 -1.84 -19.28
C VAL A 161 3.73 -1.75 -18.39
N LEU A 162 3.74 -2.50 -17.29
CA LEU A 162 4.85 -2.40 -16.33
C LEU A 162 5.99 -3.37 -16.67
N SER A 179 -6.61 -18.27 -1.17
CA SER A 179 -6.05 -19.50 -1.71
C SER A 179 -4.91 -19.99 -0.83
N LEU A 180 -3.72 -20.11 -1.40
CA LEU A 180 -2.54 -20.49 -0.63
C LEU A 180 -1.40 -19.52 -0.94
N LEU A 181 -0.53 -19.34 0.05
CA LEU A 181 0.65 -18.52 -0.12
C LEU A 181 1.73 -19.24 -0.92
N GLU A 182 2.53 -18.48 -1.67
CA GLU A 182 3.70 -19.02 -2.33
C GLU A 182 4.74 -19.43 -1.29
N GLY A 183 5.41 -20.55 -1.52
CA GLY A 183 6.44 -20.98 -0.60
C GLY A 183 7.78 -20.36 -0.95
N PRO A 184 8.85 -20.83 -0.29
CA PRO A 184 10.16 -20.23 -0.50
C PRO A 184 10.74 -20.48 -1.89
N SER A 185 11.55 -19.55 -2.36
CA SER A 185 12.24 -19.69 -3.64
CA SER A 185 12.24 -19.73 -3.64
C SER A 185 13.75 -19.62 -3.44
N TYR A 186 14.49 -20.26 -4.34
CA TYR A 186 15.94 -20.33 -4.22
C TYR A 186 16.59 -20.16 -5.59
N THR A 187 17.77 -19.56 -5.61
CA THR A 187 18.59 -19.56 -6.83
C THR A 187 20.07 -19.78 -6.48
N ARG A 188 20.96 -19.61 -7.45
CA ARG A 188 22.39 -19.81 -7.21
C ARG A 188 22.90 -18.85 -6.15
N PRO A 189 23.91 -19.29 -5.38
CA PRO A 189 24.63 -20.55 -5.44
C PRO A 189 23.93 -21.67 -4.66
N PRO A 190 24.26 -22.94 -4.95
CA PRO A 190 23.56 -24.06 -4.31
C PRO A 190 23.80 -24.15 -2.80
N SER A 191 24.92 -23.59 -2.36
CA SER A 191 25.21 -23.50 -0.93
CA SER A 191 25.24 -23.51 -0.94
C SER A 191 25.67 -22.09 -0.60
N TRP A 192 25.12 -21.53 0.47
CA TRP A 192 25.43 -20.16 0.85
C TRP A 192 25.31 -20.01 2.36
N ARG A 193 26.39 -19.52 2.98
CA ARG A 193 26.49 -19.34 4.43
C ARG A 193 25.95 -20.55 5.20
N GLY A 194 26.31 -21.74 4.72
CA GLY A 194 25.98 -22.97 5.42
C GLY A 194 24.58 -23.47 5.13
N MET A 195 23.86 -22.79 4.24
CA MET A 195 22.50 -23.19 3.91
C MET A 195 22.42 -23.71 2.48
N ASP A 196 22.08 -24.99 2.36
CA ASP A 196 21.92 -25.64 1.06
C ASP A 196 20.53 -25.45 0.51
N VAL A 197 20.43 -25.28 -0.81
CA VAL A 197 19.11 -25.31 -1.44
C VAL A 197 18.52 -26.71 -1.23
N PRO A 198 17.22 -26.79 -0.89
CA PRO A 198 16.60 -28.10 -0.69
C PRO A 198 16.87 -29.06 -1.86
N PRO A 199 17.50 -30.20 -1.57
CA PRO A 199 17.94 -31.13 -2.62
C PRO A 199 16.84 -31.55 -3.59
N VAL A 200 15.61 -31.62 -3.12
CA VAL A 200 14.50 -32.01 -4.01
C VAL A 200 14.44 -31.10 -5.25
N LEU A 201 14.80 -29.82 -5.10
CA LEU A 201 14.70 -28.86 -6.20
C LEU A 201 15.73 -29.16 -7.29
N LEU A 202 16.76 -29.91 -6.93
CA LEU A 202 17.82 -30.27 -7.87
C LEU A 202 17.68 -31.71 -8.38
N SER A 203 16.55 -32.35 -8.05
CA SER A 203 16.38 -33.78 -8.28
C SER A 203 15.98 -34.18 -9.69
N GLY A 204 15.42 -33.26 -10.45
CA GLY A 204 14.88 -33.59 -11.76
C GLY A 204 13.62 -34.43 -11.71
N ASP A 205 13.02 -34.55 -10.52
CA ASP A 205 11.74 -35.23 -10.37
C ASP A 205 10.68 -34.15 -10.26
N HIS A 206 10.09 -33.74 -11.38
CA HIS A 206 9.30 -32.53 -11.34
C HIS A 206 7.92 -32.74 -10.70
N ALA A 207 7.44 -33.98 -10.67
CA ALA A 207 6.22 -34.26 -9.92
C ALA A 207 6.48 -34.13 -8.42
N LYS A 208 7.62 -34.64 -7.97
CA LYS A 208 7.98 -34.54 -6.57
C LYS A 208 8.23 -33.09 -6.15
N ILE A 209 8.86 -32.32 -7.03
CA ILE A 209 9.10 -30.90 -6.77
C ILE A 209 7.77 -30.18 -6.58
N ALA A 210 6.81 -30.45 -7.46
CA ALA A 210 5.52 -29.79 -7.36
C ALA A 210 4.83 -30.14 -6.04
N ALA A 211 4.94 -31.39 -5.62
CA ALA A 211 4.31 -31.81 -4.37
C ALA A 211 5.01 -31.18 -3.17
N TRP A 212 6.34 -31.05 -3.26
CA TRP A 212 7.11 -30.40 -2.19
C TRP A 212 6.71 -28.92 -2.08
N ARG A 213 6.60 -28.26 -3.23
CA ARG A 213 6.19 -26.86 -3.22
C ARG A 213 4.78 -26.70 -2.67
N ALA A 214 3.90 -27.63 -3.01
CA ALA A 214 2.53 -27.58 -2.50
C ALA A 214 2.50 -27.71 -0.97
N GLU A 215 3.31 -28.61 -0.44
CA GLU A 215 3.35 -28.80 1.00
C GLU A 215 3.97 -27.58 1.69
N GLN A 216 5.00 -26.99 1.08
CA GLN A 216 5.58 -25.77 1.62
C GLN A 216 4.53 -24.66 1.68
N SER A 217 3.75 -24.55 0.62
CA SER A 217 2.68 -23.56 0.53
CA SER A 217 2.69 -23.57 0.55
C SER A 217 1.66 -23.78 1.65
N ARG A 218 1.24 -25.04 1.82
CA ARG A 218 0.27 -25.37 2.86
C ARG A 218 0.80 -24.98 4.24
N GLN A 219 2.03 -25.38 4.55
CA GLN A 219 2.62 -25.08 5.84
C GLN A 219 2.74 -23.58 6.09
N ARG A 220 3.16 -22.84 5.08
CA ARG A 220 3.36 -21.40 5.23
C ARG A 220 2.02 -20.72 5.46
N THR A 221 0.98 -21.21 4.77
CA THR A 221 -0.33 -20.60 4.87
C THR A 221 -0.89 -20.87 6.26
N ILE A 222 -0.74 -22.09 6.77
CA ILE A 222 -1.16 -22.42 8.14
C ILE A 222 -0.49 -21.49 9.16
N GLU A 223 0.82 -21.28 9.00
CA GLU A 223 1.59 -20.51 9.95
C GLU A 223 1.31 -19.01 9.88
N ARG A 224 1.23 -18.47 8.65
CA ARG A 224 1.17 -17.02 8.47
C ARG A 224 -0.22 -16.47 8.20
N ARG A 225 -1.08 -17.26 7.57
CA ARG A 225 -2.38 -16.78 7.13
C ARG A 225 -3.48 -17.83 7.36
N PRO A 226 -3.68 -18.25 8.61
CA PRO A 226 -4.70 -19.25 8.91
C PRO A 226 -6.09 -18.79 8.45
N ASP A 227 -6.27 -17.47 8.31
CA ASP A 227 -7.53 -16.90 7.85
C ASP A 227 -7.88 -17.35 6.44
N LEU A 228 -6.88 -17.78 5.67
CA LEU A 228 -7.10 -18.20 4.29
C LEU A 228 -7.58 -19.64 4.22
N LEU A 229 -7.67 -20.30 5.36
CA LEU A 229 -8.05 -21.70 5.42
C LEU A 229 -9.39 -21.87 6.12
N SER B 2 13.57 8.18 18.93
CA SER B 2 14.57 8.28 17.88
C SER B 2 14.62 6.99 17.06
N MET B 3 14.29 7.10 15.78
CA MET B 3 14.29 5.93 14.90
C MET B 3 15.12 6.13 13.64
N LYS B 4 15.87 5.09 13.27
CA LYS B 4 16.56 5.05 11.99
C LYS B 4 15.91 4.03 11.08
N ILE B 5 15.56 4.43 9.86
CA ILE B 5 15.06 3.48 8.86
C ILE B 5 16.00 3.44 7.66
N ASP B 6 16.49 2.25 7.34
CA ASP B 6 17.27 2.04 6.13
C ASP B 6 16.43 1.26 5.14
N VAL B 7 16.39 1.69 3.88
CA VAL B 7 15.65 0.97 2.86
C VAL B 7 16.62 0.52 1.80
N VAL B 8 16.61 -0.78 1.49
CA VAL B 8 17.51 -1.33 0.48
C VAL B 8 16.72 -1.77 -0.74
N THR B 9 17.12 -1.31 -1.92
CA THR B 9 16.35 -1.48 -3.15
C THR B 9 17.23 -1.35 -4.39
N ILE B 10 16.86 -2.00 -5.48
CA ILE B 10 17.54 -1.74 -6.74
C ILE B 10 16.91 -0.56 -7.48
N PHE B 11 15.86 0.01 -6.90
CA PHE B 11 15.24 1.23 -7.44
C PHE B 11 15.15 2.34 -6.41
N PRO B 12 16.30 2.89 -5.99
CA PRO B 12 16.28 3.95 -4.96
C PRO B 12 15.44 5.16 -5.37
N GLU B 13 15.36 5.44 -6.66
CA GLU B 13 14.55 6.56 -7.17
C GLU B 13 13.08 6.47 -6.76
N TYR B 14 12.56 5.26 -6.58
CA TYR B 14 11.16 5.08 -6.23
C TYR B 14 10.85 5.45 -4.78
N LEU B 15 11.88 5.62 -3.95
CA LEU B 15 11.65 5.90 -2.53
C LEU B 15 11.64 7.40 -2.24
N GLN B 16 11.84 8.21 -3.28
CA GLN B 16 11.80 9.66 -3.13
C GLN B 16 10.54 10.25 -2.45
N PRO B 17 9.36 9.60 -2.61
CA PRO B 17 8.20 10.18 -1.89
C PRO B 17 8.32 10.28 -0.36
N VAL B 18 9.41 9.78 0.23
CA VAL B 18 9.58 9.88 1.68
C VAL B 18 9.82 11.31 2.14
N ARG B 19 10.27 12.17 1.22
CA ARG B 19 10.53 13.57 1.55
C ARG B 19 9.23 14.36 1.67
N GLN B 20 8.12 13.74 1.29
CA GLN B 20 6.81 14.38 1.37
C GLN B 20 5.95 13.75 2.47
N ALA B 29 12.04 17.13 10.28
CA ALA B 29 12.31 15.84 10.91
C ALA B 29 13.13 16.01 12.18
N GLY B 30 13.95 15.00 12.49
CA GLY B 30 14.79 15.04 13.67
C GLY B 30 14.61 13.82 14.56
N LEU B 31 13.36 13.39 14.72
CA LEU B 31 13.05 12.22 15.53
C LEU B 31 13.33 10.95 14.74
N VAL B 32 13.37 11.08 13.42
CA VAL B 32 13.61 9.93 12.57
C VAL B 32 14.51 10.28 11.39
N ASP B 33 15.41 9.36 11.05
CA ASP B 33 16.23 9.48 9.85
C ASP B 33 15.88 8.34 8.91
N VAL B 34 15.67 8.66 7.64
CA VAL B 34 15.43 7.62 6.65
C VAL B 34 16.53 7.65 5.59
N ALA B 35 17.17 6.52 5.35
CA ALA B 35 18.22 6.43 4.34
C ALA B 35 17.91 5.33 3.34
N VAL B 36 18.14 5.62 2.07
CA VAL B 36 17.87 4.67 0.99
C VAL B 36 19.16 4.22 0.34
N HIS B 37 19.33 2.91 0.21
CA HIS B 37 20.56 2.34 -0.35
C HIS B 37 20.29 1.54 -1.62
N ASP B 38 21.10 1.79 -2.65
CA ASP B 38 21.08 1.01 -3.88
C ASP B 38 21.73 -0.34 -3.63
N LEU B 39 20.97 -1.43 -3.77
CA LEU B 39 21.50 -2.78 -3.58
C LEU B 39 22.70 -3.04 -4.49
N ARG B 40 22.69 -2.46 -5.69
CA ARG B 40 23.74 -2.74 -6.66
C ARG B 40 25.12 -2.22 -6.22
N ARG B 41 25.13 -1.38 -5.19
CA ARG B 41 26.37 -0.93 -4.55
C ARG B 41 27.23 -2.10 -4.07
N TRP B 42 26.59 -3.22 -3.75
CA TRP B 42 27.29 -4.35 -3.15
C TRP B 42 27.61 -5.48 -4.14
N THR B 43 27.39 -5.23 -5.43
CA THR B 43 27.77 -6.21 -6.45
C THR B 43 29.25 -6.03 -6.79
N HIS B 44 29.89 -7.10 -7.23
CA HIS B 44 31.32 -7.05 -7.56
C HIS B 44 31.57 -7.17 -9.06
N ASP B 45 30.64 -7.79 -9.78
CA ASP B 45 30.80 -8.04 -11.21
C ASP B 45 30.40 -6.83 -12.05
N VAL B 46 30.92 -6.78 -13.27
CA VAL B 46 30.65 -5.66 -14.18
C VAL B 46 29.21 -5.70 -14.69
N SER B 49 24.82 -9.06 -12.13
CA SER B 49 23.42 -9.46 -12.11
C SER B 49 22.99 -9.85 -10.70
N VAL B 50 21.86 -9.30 -10.26
CA VAL B 50 21.39 -9.55 -8.93
C VAL B 50 20.39 -10.72 -8.89
N ASP B 51 20.14 -11.33 -10.03
CA ASP B 51 19.08 -12.34 -10.12
C ASP B 51 19.43 -13.53 -11.03
N ASP B 52 18.76 -14.66 -10.80
CA ASP B 52 18.92 -15.82 -11.67
C ASP B 52 17.67 -16.69 -11.61
N SER B 53 17.62 -17.69 -12.48
CA SER B 53 16.44 -18.55 -12.57
C SER B 53 16.27 -19.37 -11.31
N PRO B 54 15.02 -19.71 -10.97
CA PRO B 54 14.78 -20.47 -9.73
C PRO B 54 15.20 -21.93 -9.80
N TYR B 55 15.84 -22.40 -8.75
CA TYR B 55 16.04 -23.83 -8.62
C TYR B 55 14.69 -24.52 -8.57
N GLY B 56 14.60 -25.65 -9.26
CA GLY B 56 13.35 -26.38 -9.35
C GLY B 56 12.44 -25.93 -10.47
N GLY B 57 12.81 -24.85 -11.14
CA GLY B 57 12.03 -24.35 -12.26
C GLY B 57 10.95 -23.35 -11.90
N GLY B 58 10.31 -22.82 -12.92
CA GLY B 58 9.24 -21.86 -12.71
C GLY B 58 9.51 -20.58 -13.46
N PRO B 59 8.50 -19.71 -13.56
CA PRO B 59 8.67 -18.48 -14.33
C PRO B 59 9.45 -17.43 -13.55
N GLY B 60 10.07 -16.52 -14.26
CA GLY B 60 10.69 -15.37 -13.64
C GLY B 60 12.05 -15.63 -13.04
N MET B 61 12.50 -14.68 -12.23
CA MET B 61 13.83 -14.72 -11.66
C MET B 61 13.75 -14.51 -10.16
N VAL B 62 14.77 -14.98 -9.46
CA VAL B 62 14.88 -14.84 -8.01
C VAL B 62 16.11 -14.02 -7.69
N MET B 63 16.03 -13.14 -6.70
CA MET B 63 17.22 -12.38 -6.36
C MET B 63 18.22 -13.26 -5.60
N LYS B 64 19.47 -13.18 -6.03
CA LYS B 64 20.56 -13.95 -5.43
C LYS B 64 20.82 -13.55 -3.97
N PRO B 65 21.15 -14.53 -3.12
CA PRO B 65 21.37 -14.21 -1.71
C PRO B 65 22.69 -13.48 -1.46
N THR B 66 23.66 -13.70 -2.33
CA THR B 66 25.02 -13.19 -2.13
C THR B 66 25.03 -11.67 -1.95
N VAL B 67 24.46 -10.96 -2.92
CA VAL B 67 24.41 -9.50 -2.89
C VAL B 67 23.67 -8.99 -1.66
N TRP B 68 22.56 -9.63 -1.34
CA TRP B 68 21.78 -9.21 -0.17
C TRP B 68 22.55 -9.41 1.12
N GLY B 69 23.25 -10.54 1.23
CA GLY B 69 24.02 -10.83 2.42
C GLY B 69 25.06 -9.76 2.69
N ASP B 70 25.75 -9.34 1.64
CA ASP B 70 26.79 -8.33 1.81
C ASP B 70 26.20 -6.99 2.23
N ALA B 71 25.10 -6.59 1.60
CA ALA B 71 24.43 -5.34 1.95
C ALA B 71 23.96 -5.34 3.40
N LEU B 72 23.24 -6.39 3.79
CA LEU B 72 22.67 -6.44 5.14
C LEU B 72 23.77 -6.55 6.21
N ASP B 73 24.86 -7.22 5.88
CA ASP B 73 26.02 -7.32 6.77
C ASP B 73 26.49 -5.93 7.20
N GLU B 74 26.49 -5.00 6.27
CA GLU B 74 26.99 -3.65 6.51
C GLU B 74 25.97 -2.77 7.21
N ILE B 75 24.70 -2.97 6.88
CA ILE B 75 23.63 -2.08 7.33
C ILE B 75 23.02 -2.50 8.68
N CYS B 76 22.92 -3.80 8.90
CA CYS B 76 22.20 -4.33 10.07
C CYS B 76 23.11 -4.62 11.25
N THR B 77 22.52 -4.56 12.44
CA THR B 77 23.17 -5.06 13.66
C THR B 77 22.25 -6.08 14.31
N SER B 78 22.65 -6.62 15.45
CA SER B 78 21.81 -7.59 16.15
C SER B 78 20.54 -6.96 16.71
N GLU B 79 20.50 -5.63 16.80
CA GLU B 79 19.34 -4.91 17.32
C GLU B 79 18.34 -4.54 16.23
N THR B 80 18.76 -4.67 14.98
CA THR B 80 17.94 -4.33 13.83
C THR B 80 16.68 -5.17 13.73
N LEU B 81 15.57 -4.53 13.37
CA LEU B 81 14.39 -5.28 12.93
C LEU B 81 14.39 -5.27 11.41
N LEU B 82 14.66 -6.42 10.81
CA LEU B 82 14.68 -6.54 9.36
C LEU B 82 13.28 -6.81 8.83
N VAL B 83 12.76 -5.88 8.02
CA VAL B 83 11.42 -6.01 7.47
C VAL B 83 11.50 -6.37 6.00
N VAL B 84 10.82 -7.44 5.61
CA VAL B 84 10.86 -7.90 4.22
C VAL B 84 9.45 -7.99 3.65
N PRO B 85 9.03 -6.98 2.89
CA PRO B 85 7.71 -7.07 2.23
C PRO B 85 7.62 -8.27 1.29
N THR B 86 6.49 -8.95 1.31
CA THR B 86 6.28 -10.10 0.44
C THR B 86 4.81 -10.47 0.45
N PRO B 87 4.26 -10.88 -0.71
CA PRO B 87 2.85 -11.28 -0.70
C PRO B 87 2.56 -12.47 0.21
N ALA B 88 3.61 -13.21 0.55
CA ALA B 88 3.51 -14.39 1.39
C ALA B 88 3.82 -14.10 2.85
N GLY B 89 3.81 -12.83 3.23
CA GLY B 89 4.19 -12.46 4.59
C GLY B 89 3.07 -12.56 5.60
N TYR B 90 3.43 -12.46 6.87
CA TYR B 90 2.43 -12.22 7.93
C TYR B 90 1.76 -10.87 7.65
N PRO B 91 0.48 -10.71 8.04
CA PRO B 91 -0.14 -9.41 7.75
C PRO B 91 0.46 -8.26 8.56
N PHE B 92 0.76 -7.17 7.85
CA PHE B 92 1.10 -5.90 8.50
C PHE B 92 -0.21 -5.16 8.82
N THR B 93 -0.43 -4.92 10.10
CA THR B 93 -1.64 -4.25 10.56
C THR B 93 -1.31 -3.05 11.44
N GLN B 94 -2.35 -2.34 11.91
CA GLN B 94 -2.15 -1.20 12.80
C GLN B 94 -1.43 -1.65 14.07
N GLU B 95 -1.73 -2.87 14.52
CA GLU B 95 -1.04 -3.41 15.68
C GLU B 95 0.44 -3.53 15.40
N THR B 96 0.78 -4.02 14.20
CA THR B 96 2.18 -4.08 13.81
C THR B 96 2.82 -2.70 13.80
N ALA B 97 2.09 -1.72 13.28
CA ALA B 97 2.63 -0.37 13.20
C ALA B 97 2.93 0.16 14.60
N TRP B 98 2.02 -0.05 15.56
CA TRP B 98 2.29 0.35 16.93
C TRP B 98 3.52 -0.36 17.48
N GLN B 99 3.64 -1.64 17.18
CA GLN B 99 4.73 -2.44 17.71
C GLN B 99 6.06 -1.90 17.19
N TRP B 100 6.11 -1.60 15.90
CA TRP B 100 7.37 -1.17 15.28
C TRP B 100 7.70 0.29 15.59
N SER B 101 6.70 1.05 16.06
CA SER B 101 6.89 2.48 16.30
C SER B 101 7.92 2.80 17.39
N THR B 102 8.25 1.82 18.24
CA THR B 102 9.22 2.06 19.30
C THR B 102 10.56 1.40 19.03
N GLU B 103 10.77 0.93 17.79
CA GLU B 103 12.05 0.34 17.39
C GLU B 103 13.10 1.40 17.12
N ASP B 104 14.36 1.06 17.43
CA ASP B 104 15.47 1.97 17.19
C ASP B 104 15.91 1.94 15.73
N HIS B 105 15.77 0.78 15.10
CA HIS B 105 16.34 0.59 13.77
C HIS B 105 15.57 -0.39 12.92
N LEU B 106 14.89 0.12 11.90
CA LEU B 106 14.21 -0.71 10.92
C LEU B 106 15.03 -0.76 9.65
N VAL B 107 15.23 -1.96 9.12
CA VAL B 107 15.80 -2.08 7.79
C VAL B 107 14.78 -2.78 6.89
N ILE B 108 14.42 -2.13 5.79
CA ILE B 108 13.41 -2.69 4.90
C ILE B 108 14.07 -3.17 3.62
N ALA B 109 14.03 -4.47 3.40
CA ALA B 109 14.66 -5.08 2.24
C ALA B 109 13.63 -5.24 1.14
N CYS B 110 13.77 -4.47 0.06
CA CYS B 110 12.76 -4.45 -1.01
C CYS B 110 13.18 -5.38 -2.12
N GLY B 111 12.38 -6.41 -2.36
CA GLY B 111 12.62 -7.31 -3.47
C GLY B 111 12.03 -6.80 -4.78
N ARG B 112 12.49 -7.43 -5.86
CA ARG B 112 11.93 -7.25 -7.19
C ARG B 112 11.89 -8.63 -7.85
N TYR B 113 11.65 -8.69 -9.15
CA TYR B 113 11.52 -9.98 -9.85
C TYR B 113 10.48 -10.85 -9.12
N GLU B 114 10.78 -12.13 -8.91
CA GLU B 114 9.83 -13.00 -8.19
C GLU B 114 10.14 -13.09 -6.70
N GLY B 115 10.99 -12.20 -6.20
CA GLY B 115 11.30 -12.19 -4.79
C GLY B 115 12.76 -12.51 -4.50
N ILE B 116 13.06 -12.68 -3.21
CA ILE B 116 14.43 -12.86 -2.73
C ILE B 116 14.65 -14.30 -2.29
N ASP B 117 15.80 -14.89 -2.63
CA ASP B 117 16.19 -16.20 -2.13
C ASP B 117 15.87 -16.31 -0.64
N GLN B 118 15.16 -17.37 -0.25
CA GLN B 118 14.70 -17.51 1.13
C GLN B 118 15.85 -17.51 2.15
N ARG B 119 17.04 -17.88 1.72
CA ARG B 119 18.15 -17.98 2.66
C ARG B 119 18.58 -16.62 3.21
N VAL B 120 18.23 -15.55 2.51
CA VAL B 120 18.60 -14.22 2.98
C VAL B 120 17.93 -13.95 4.32
N ALA B 121 16.62 -14.16 4.37
CA ALA B 121 15.89 -13.99 5.63
C ALA B 121 16.32 -15.01 6.67
N ASP B 122 16.54 -16.25 6.23
CA ASP B 122 16.94 -17.31 7.17
C ASP B 122 18.30 -17.02 7.80
N ASP B 123 19.27 -16.59 6.99
CA ASP B 123 20.58 -16.22 7.51
C ASP B 123 20.49 -15.05 8.47
N ALA B 124 19.71 -14.04 8.07
CA ALA B 124 19.53 -12.85 8.91
C ALA B 124 18.95 -13.20 10.27
N ALA B 125 18.02 -14.16 10.28
CA ALA B 125 17.31 -14.50 11.51
C ALA B 125 18.23 -15.16 12.54
N THR B 126 19.40 -15.60 12.10
CA THR B 126 20.37 -16.17 13.04
C THR B 126 21.05 -15.09 13.87
N ARG B 127 20.93 -13.81 13.50
CA ARG B 127 21.60 -12.77 14.28
CA ARG B 127 21.61 -12.77 14.27
C ARG B 127 20.73 -11.56 14.58
N MET B 128 19.56 -11.48 13.97
CA MET B 128 18.63 -10.38 14.25
C MET B 128 17.19 -10.85 14.12
N ARG B 129 16.24 -10.00 14.54
CA ARG B 129 14.82 -10.29 14.33
C ARG B 129 14.40 -9.97 12.90
N VAL B 130 13.61 -10.87 12.31
CA VAL B 130 13.20 -10.72 10.92
C VAL B 130 11.69 -10.86 10.83
N ARG B 131 11.08 -9.98 10.03
CA ARG B 131 9.64 -10.00 9.84
C ARG B 131 9.29 -9.93 8.36
N GLU B 132 8.83 -11.05 7.79
CA GLU B 132 8.30 -11.03 6.43
C GLU B 132 6.84 -10.64 6.52
N VAL B 133 6.44 -9.59 5.80
CA VAL B 133 5.08 -9.06 5.96
C VAL B 133 4.44 -8.70 4.64
N SER B 134 3.12 -8.89 4.61
CA SER B 134 2.29 -8.48 3.50
CA SER B 134 2.32 -8.45 3.48
C SER B 134 1.46 -7.25 3.90
N ILE B 135 1.31 -6.29 3.00
CA ILE B 135 0.52 -5.10 3.35
C ILE B 135 -0.92 -5.23 2.85
N GLY B 136 -1.24 -6.33 2.19
CA GLY B 136 -2.59 -6.50 1.67
C GLY B 136 -2.66 -7.60 0.63
N ASP B 137 -3.87 -8.08 0.34
CA ASP B 137 -4.00 -9.23 -0.55
C ASP B 137 -4.15 -8.79 -2.00
N TYR B 138 -3.08 -8.17 -2.48
CA TYR B 138 -2.94 -7.77 -3.88
C TYR B 138 -1.47 -7.92 -4.16
N VAL B 139 -1.09 -7.94 -5.44
CA VAL B 139 0.31 -8.18 -5.81
C VAL B 139 0.95 -6.94 -6.42
N LEU B 140 2.07 -6.53 -5.85
CA LEU B 140 2.85 -5.41 -6.36
C LEU B 140 3.93 -5.95 -7.27
N ASN B 141 4.68 -5.06 -7.92
CA ASN B 141 5.81 -5.51 -8.73
C ASN B 141 7.09 -5.64 -7.91
N GLY B 142 7.06 -5.14 -6.67
CA GLY B 142 8.24 -5.15 -5.83
C GLY B 142 7.94 -4.57 -4.47
N GLY B 143 8.95 -4.54 -3.60
CA GLY B 143 8.75 -4.16 -2.21
C GLY B 143 8.69 -2.67 -1.93
N GLU B 144 9.07 -1.85 -2.92
CA GLU B 144 9.22 -0.40 -2.71
C GLU B 144 7.92 0.29 -2.27
N ALA B 145 6.81 0.02 -2.96
CA ALA B 145 5.54 0.67 -2.56
C ALA B 145 5.10 0.21 -1.17
N ALA B 146 5.35 -1.05 -0.84
CA ALA B 146 5.05 -1.58 0.49
C ALA B 146 5.92 -0.89 1.54
N ALA B 147 7.20 -0.64 1.22
CA ALA B 147 8.05 0.10 2.14
C ALA B 147 7.48 1.49 2.43
N LEU B 148 7.00 2.19 1.40
CA LEU B 148 6.43 3.51 1.59
C LEU B 148 5.21 3.46 2.51
N VAL B 149 4.37 2.45 2.33
CA VAL B 149 3.19 2.26 3.17
C VAL B 149 3.61 2.01 4.60
N ILE B 150 4.57 1.09 4.78
CA ILE B 150 5.00 0.73 6.13
C ILE B 150 5.61 1.94 6.85
N ILE B 151 6.50 2.65 6.15
CA ILE B 151 7.11 3.83 6.74
C ILE B 151 6.08 4.86 7.17
N GLU B 152 5.10 5.13 6.31
CA GLU B 152 4.09 6.13 6.64
C GLU B 152 3.26 5.70 7.86
N ALA B 153 2.83 4.44 7.86
CA ALA B 153 1.99 3.94 8.95
C ALA B 153 2.75 3.93 10.27
N VAL B 154 4.03 3.60 10.22
CA VAL B 154 4.84 3.55 11.44
C VAL B 154 5.21 4.95 11.94
N LEU B 155 5.68 5.82 11.05
CA LEU B 155 6.23 7.10 11.48
C LEU B 155 5.20 8.01 12.13
N ARG B 156 3.94 7.90 11.71
CA ARG B 156 2.92 8.78 12.27
C ARG B 156 2.58 8.40 13.73
N LEU B 157 3.09 7.24 14.16
CA LEU B 157 2.88 6.76 15.53
C LEU B 157 4.09 6.99 16.45
N VAL B 158 5.22 7.41 15.88
CA VAL B 158 6.44 7.54 16.66
C VAL B 158 6.30 8.66 17.69
N PRO B 159 6.67 8.39 18.96
CA PRO B 159 6.46 9.36 20.04
C PRO B 159 7.11 10.71 19.71
N GLY B 160 6.29 11.76 19.64
CA GLY B 160 6.77 13.07 19.27
C GLY B 160 6.38 13.44 17.85
N VAL B 161 5.60 12.58 17.21
CA VAL B 161 5.10 12.86 15.86
C VAL B 161 3.60 13.12 15.88
N SER B 179 -10.91 -2.43 14.65
CA SER B 179 -11.86 -1.87 15.59
C SER B 179 -13.22 -1.63 14.92
N LEU B 180 -13.51 -0.37 14.61
CA LEU B 180 -14.71 0.01 13.86
C LEU B 180 -14.33 1.07 12.85
N LEU B 181 -15.11 1.23 11.79
CA LEU B 181 -14.75 2.18 10.73
C LEU B 181 -15.19 3.59 11.07
N GLU B 182 -14.40 4.57 10.65
CA GLU B 182 -14.77 5.96 10.80
C GLU B 182 -15.97 6.27 9.91
N GLY B 183 -16.92 7.02 10.45
CA GLY B 183 -18.07 7.44 9.67
C GLY B 183 -17.75 8.65 8.82
N PRO B 184 -18.77 9.19 8.15
CA PRO B 184 -18.61 10.33 7.24
C PRO B 184 -18.30 11.62 7.99
N SER B 185 -17.54 12.50 7.34
CA SER B 185 -17.21 13.81 7.90
CA SER B 185 -17.26 13.81 7.92
C SER B 185 -17.72 14.91 6.96
N TYR B 186 -17.94 16.10 7.49
CA TYR B 186 -18.48 17.21 6.73
C TYR B 186 -17.88 18.53 7.19
N THR B 187 -17.85 19.49 6.28
CA THR B 187 -17.43 20.84 6.63
C THR B 187 -18.25 21.83 5.81
N ARG B 188 -17.92 23.12 5.91
CA ARG B 188 -18.73 24.18 5.31
C ARG B 188 -18.70 24.12 3.77
N PRO B 189 -19.79 24.54 3.08
CA PRO B 189 -21.04 25.11 3.60
C PRO B 189 -22.02 24.04 4.05
N PRO B 190 -23.02 24.44 4.86
CA PRO B 190 -23.98 23.46 5.41
C PRO B 190 -24.88 22.87 4.33
N SER B 191 -25.03 23.57 3.22
CA SER B 191 -25.75 23.04 2.06
CA SER B 191 -25.75 23.05 2.07
C SER B 191 -24.89 23.23 0.82
N TRP B 192 -24.72 22.16 0.05
CA TRP B 192 -23.87 22.18 -1.13
C TRP B 192 -24.49 21.32 -2.22
N ARG B 193 -24.75 21.93 -3.37
CA ARG B 193 -25.42 21.25 -4.49
C ARG B 193 -26.71 20.58 -4.04
N GLY B 194 -27.43 21.23 -3.11
CA GLY B 194 -28.69 20.69 -2.62
C GLY B 194 -28.51 19.50 -1.69
N MET B 195 -27.28 19.26 -1.24
CA MET B 195 -26.99 18.21 -0.27
C MET B 195 -26.68 18.84 1.09
N ASP B 196 -27.49 18.52 2.09
CA ASP B 196 -27.36 19.17 3.39
C ASP B 196 -26.53 18.31 4.35
N VAL B 197 -25.70 18.97 5.15
CA VAL B 197 -25.01 18.31 6.23
C VAL B 197 -26.07 17.79 7.20
N PRO B 198 -25.93 16.54 7.69
CA PRO B 198 -26.90 16.00 8.65
C PRO B 198 -27.16 16.99 9.79
N PRO B 199 -28.44 17.33 10.01
CA PRO B 199 -28.82 18.38 10.96
C PRO B 199 -28.24 18.19 12.37
N VAL B 200 -28.08 16.94 12.80
CA VAL B 200 -27.57 16.68 14.15
C VAL B 200 -26.18 17.30 14.32
N LEU B 201 -25.39 17.35 13.24
CA LEU B 201 -24.02 17.84 13.32
C LEU B 201 -23.97 19.35 13.49
N LEU B 202 -25.09 20.01 13.19
CA LEU B 202 -25.20 21.46 13.37
C LEU B 202 -25.82 21.82 14.71
N SER B 203 -26.37 20.82 15.40
CA SER B 203 -27.19 21.08 16.59
C SER B 203 -26.36 21.46 17.82
N GLY B 204 -25.09 21.09 17.85
CA GLY B 204 -24.26 21.34 19.02
C GLY B 204 -24.59 20.47 20.22
N ASP B 205 -25.37 19.42 19.99
CA ASP B 205 -25.70 18.46 21.05
C ASP B 205 -24.68 17.33 21.03
N HIS B 206 -23.66 17.43 21.89
CA HIS B 206 -22.54 16.49 21.88
C HIS B 206 -22.98 15.04 22.04
N ALA B 207 -23.94 14.79 22.92
CA ALA B 207 -24.41 13.43 23.12
C ALA B 207 -25.14 12.90 21.88
N LYS B 208 -26.01 13.72 21.29
CA LYS B 208 -26.72 13.31 20.09
C LYS B 208 -25.75 13.15 18.91
N ILE B 209 -24.72 13.98 18.87
CA ILE B 209 -23.72 13.91 17.80
C ILE B 209 -22.89 12.64 17.96
N ALA B 210 -22.50 12.34 19.20
CA ALA B 210 -21.73 11.13 19.47
C ALA B 210 -22.51 9.88 19.08
N ALA B 211 -23.80 9.88 19.38
CA ALA B 211 -24.68 8.76 19.11
C ALA B 211 -24.88 8.53 17.61
N TRP B 212 -25.11 9.62 16.87
CA TRP B 212 -25.27 9.53 15.43
C TRP B 212 -24.01 9.02 14.75
N ARG B 213 -22.86 9.52 15.19
CA ARG B 213 -21.57 9.08 14.65
C ARG B 213 -21.30 7.61 14.93
N ALA B 214 -21.75 7.15 16.09
CA ALA B 214 -21.60 5.74 16.45
C ALA B 214 -22.44 4.88 15.53
N GLU B 215 -23.70 5.30 15.31
CA GLU B 215 -24.61 4.60 14.42
C GLU B 215 -24.07 4.58 12.99
N GLN B 216 -23.50 5.70 12.53
CA GLN B 216 -22.92 5.76 11.20
C GLN B 216 -21.75 4.80 11.04
N SER B 217 -20.88 4.80 12.03
CA SER B 217 -19.73 3.89 12.09
CA SER B 217 -19.74 3.90 12.05
C SER B 217 -20.17 2.43 12.07
N ARG B 218 -21.20 2.11 12.87
CA ARG B 218 -21.73 0.74 12.93
C ARG B 218 -22.23 0.31 11.56
N GLN B 219 -23.05 1.17 10.97
CA GLN B 219 -23.64 0.96 9.65
C GLN B 219 -22.56 0.70 8.62
N ARG B 220 -21.54 1.55 8.63
CA ARG B 220 -20.48 1.48 7.66
C ARG B 220 -19.66 0.21 7.85
N THR B 221 -19.43 -0.17 9.10
CA THR B 221 -18.59 -1.34 9.36
C THR B 221 -19.31 -2.62 8.93
N ILE B 222 -20.60 -2.73 9.27
CA ILE B 222 -21.42 -3.87 8.81
C ILE B 222 -21.42 -4.01 7.29
N GLU B 223 -21.57 -2.87 6.60
CA GLU B 223 -21.65 -2.86 5.15
C GLU B 223 -20.33 -3.19 4.46
N ARG B 224 -19.25 -2.57 4.94
CA ARG B 224 -17.98 -2.63 4.23
C ARG B 224 -16.98 -3.61 4.82
N ARG B 225 -17.03 -3.80 6.14
CA ARG B 225 -16.05 -4.65 6.80
C ARG B 225 -16.69 -5.53 7.87
N PRO B 226 -17.64 -6.39 7.46
CA PRO B 226 -18.36 -7.16 8.48
C PRO B 226 -17.43 -8.06 9.28
N ASP B 227 -16.28 -8.42 8.70
CA ASP B 227 -15.29 -9.24 9.41
C ASP B 227 -14.82 -8.58 10.70
N LEU B 228 -14.77 -7.25 10.74
CA LEU B 228 -14.31 -6.53 11.94
C LEU B 228 -15.23 -6.74 13.12
N LEU B 229 -16.48 -7.09 12.85
CA LEU B 229 -17.46 -7.31 13.91
C LEU B 229 -17.77 -8.79 14.06
N GLY B 230 -16.94 -9.63 13.45
CA GLY B 230 -17.08 -11.07 13.59
C GLY B 230 -18.17 -11.70 12.74
N PHE B 231 -18.44 -11.10 11.58
CA PHE B 231 -19.41 -11.67 10.64
C PHE B 231 -18.73 -12.13 9.35
N ASP B 232 -19.42 -12.96 8.59
CA ASP B 232 -18.88 -13.50 7.34
C ASP B 232 -18.59 -12.38 6.33
N SER B 233 -17.49 -12.54 5.60
CA SER B 233 -17.14 -11.62 4.53
C SER B 233 -17.92 -11.97 3.27
N PRO B 234 -18.25 -10.95 2.45
CA PRO B 234 -19.03 -11.14 1.23
C PRO B 234 -18.42 -12.14 0.25
C10 JCH C . -6.28 8.93 4.90
C13 JCH C . -6.83 9.60 8.09
C15 JCH C . -9.19 9.38 8.77
C20 JCH C . -6.45 9.09 9.28
C21 JCH C . -6.66 11.11 5.10
C22 JCH C . -7.02 10.72 3.82
C24 JCH C . -6.27 4.14 3.66
N01 JCH C . -6.00 1.59 4.04
C02 JCH C . -5.79 2.97 4.37
N03 JCH C . -5.12 3.41 5.45
N04 JCH C . -5.15 4.76 5.45
C05 JCH C . -5.81 5.20 4.34
C06 JCH C . -6.11 6.64 4.06
C07 JCH C . -6.61 7.03 2.83
C08 JCH C . -6.96 8.38 2.64
C09 JCH C . -6.78 9.32 3.70
N11 JCH C . -6.22 10.02 5.73
C12 JCH C . -5.74 9.97 7.11
C14 JCH C . -8.19 9.75 7.79
C16 JCH C . -8.80 8.88 9.98
O17 JCH C . -9.77 8.51 10.94
C18 JCH C . -10.16 9.61 11.80
C19 JCH C . -7.46 8.72 10.27
C23 JCH C . -5.94 7.55 5.12
S SO4 D . -24.00 5.46 -12.62
O1 SO4 D . -23.67 4.16 -12.01
O2 SO4 D . -22.82 6.00 -13.26
O3 SO4 D . -25.07 5.24 -13.60
O4 SO4 D . -24.49 6.38 -11.59
C10 JCH E . 6.94 -8.36 -4.66
C13 JCH E . 6.06 -10.69 -6.82
C15 JCH E . 6.18 -12.92 -5.72
C20 JCH E . 5.13 -11.18 -7.65
C21 JCH E . 8.72 -8.89 -5.89
C22 JCH E . 9.17 -8.44 -4.67
C24 JCH E . 3.69 -7.45 -1.06
N01 JCH E . 1.42 -7.29 0.10
C02 JCH E . 2.26 -7.35 -1.05
N03 JCH E . 1.83 -7.33 -2.33
N04 JCH E . 2.94 -7.41 -3.14
C05 JCH E . 4.06 -7.46 -2.36
C06 JCH E . 5.47 -7.63 -2.87
C07 JCH E . 6.56 -7.37 -2.06
C08 JCH E . 7.86 -7.58 -2.56
C09 JCH E . 8.02 -8.09 -3.88
N11 JCH E . 7.38 -8.85 -5.86
C12 JCH E . 6.50 -9.25 -6.95
C14 JCH E . 6.61 -11.53 -5.83
C16 JCH E . 5.23 -13.39 -6.58
O17 JCH E . 4.78 -14.73 -6.48
C18 JCH E . 5.60 -15.70 -7.19
C19 JCH E . 4.69 -12.56 -7.55
C23 JCH E . 5.61 -8.16 -4.17
S SO4 F . 11.88 -13.24 17.06
O1 SO4 F . 13.16 -13.55 17.69
O2 SO4 F . 12.10 -12.84 15.67
O3 SO4 F . 11.23 -12.16 17.79
O4 SO4 F . 11.02 -14.43 17.09
#